data_6NKC
#
_entry.id   6NKC
#
_cell.length_a   49.870
_cell.length_b   49.870
_cell.length_c   141.625
_cell.angle_alpha   90.00
_cell.angle_beta   90.00
_cell.angle_gamma   90.00
#
_symmetry.space_group_name_H-M   'P 43'
#
loop_
_entity.id
_entity.type
_entity.pdbx_description
1 polymer 'Lipase, Lip_vut1'
2 non-polymer 'CHLORIDE ION'
3 non-polymer 1,2-ETHANEDIOL
4 non-polymer 'AZIDE ION'
5 water water
#
_entity_poly.entity_id   1
_entity_poly.type   'polypeptide(L)'
_entity_poly.pdbx_seq_one_letter_code
;(MSE)ASHNPVV(MSE)VHGIGGADYNFIGIKSYLQSQGWTSSELYAINFIDKTGNNINNAPRLSEYIKRVLNQTGASKV
DIVAHS(MSE)GGANTLYYIKNLDGADKVGHVVTLGGANRLVTNTAPQNDKISYTSIYSTSDYIVLNSLSKLDGANNVQI
SGVSHVGLLFSSKVNALIKDGLTASGKHHHHHH
;
_entity_poly.pdbx_strand_id   A,B
#
loop_
_chem_comp.id
_chem_comp.type
_chem_comp.name
_chem_comp.formula
AZI non-polymer 'AZIDE ION' 'N3 -1'
CL non-polymer 'CHLORIDE ION' 'Cl -1'
EDO non-polymer 1,2-ETHANEDIOL 'C2 H6 O2'
#
# COMPACT_ATOMS: atom_id res chain seq x y z
N SER A 3 -6.26 6.36 10.37
CA SER A 3 -6.59 4.94 10.44
C SER A 3 -7.53 4.52 9.30
N HIS A 4 -7.80 3.22 9.20
CA HIS A 4 -8.63 2.70 8.11
C HIS A 4 -10.08 3.11 8.26
N ASN A 5 -10.73 3.41 7.12
CA ASN A 5 -12.19 3.46 7.09
C ASN A 5 -12.78 2.14 7.57
N PRO A 6 -13.99 2.17 8.13
CA PRO A 6 -14.74 0.91 8.31
C PRO A 6 -14.89 0.23 6.95
N VAL A 7 -14.82 -1.10 6.94
CA VAL A 7 -14.94 -1.91 5.72
C VAL A 7 -16.30 -2.60 5.73
N VAL A 8 -17.04 -2.45 4.65
CA VAL A 8 -18.33 -3.14 4.46
C VAL A 8 -18.16 -4.16 3.36
N MSE A 9 -18.47 -5.42 3.67
CA MSE A 9 -18.23 -6.50 2.70
C MSE A 9 -19.57 -7.03 2.22
O MSE A 9 -20.50 -7.23 3.02
CB MSE A 9 -17.38 -7.59 3.34
CG MSE A 9 -16.06 -7.00 3.84
SE MSE A 9 -15.02 -8.28 4.85
CE MSE A 9 -13.74 -7.03 5.60
N VAL A 10 -19.67 -7.23 0.91
CA VAL A 10 -20.96 -7.40 0.22
C VAL A 10 -20.92 -8.70 -0.58
N HIS A 11 -21.74 -9.69 -0.18
CA HIS A 11 -21.79 -11.01 -0.79
C HIS A 11 -22.67 -11.03 -2.06
N GLY A 12 -22.55 -12.13 -2.80
CA GLY A 12 -23.23 -12.32 -4.07
C GLY A 12 -24.43 -13.26 -3.96
N ILE A 13 -24.89 -13.75 -5.11
CA ILE A 13 -26.08 -14.61 -5.15
C ILE A 13 -25.84 -15.89 -4.36
N GLY A 14 -26.83 -16.27 -3.53
CA GLY A 14 -26.66 -17.45 -2.70
C GLY A 14 -25.55 -17.32 -1.69
N GLY A 15 -25.08 -16.10 -1.45
CA GLY A 15 -24.01 -15.83 -0.52
C GLY A 15 -24.54 -15.46 0.86
N ALA A 16 -23.60 -15.10 1.72
CA ALA A 16 -23.91 -14.74 3.10
C ALA A 16 -22.75 -13.95 3.69
N ASP A 17 -23.03 -13.29 4.81
CA ASP A 17 -21.98 -12.54 5.49
C ASP A 17 -20.78 -13.43 5.81
N TYR A 18 -21.02 -14.70 6.16
CA TYR A 18 -19.91 -15.56 6.54
C TYR A 18 -19.01 -15.95 5.37
N ASN A 19 -19.39 -15.60 4.15
CA ASN A 19 -18.47 -15.79 3.01
C ASN A 19 -17.14 -15.05 3.23
N PHE A 20 -17.12 -14.03 4.09
CA PHE A 20 -15.99 -13.12 4.21
C PHE A 20 -15.12 -13.46 5.40
N ILE A 21 -15.31 -14.65 6.01
CA ILE A 21 -14.57 -15.01 7.22
C ILE A 21 -13.06 -15.01 6.96
N GLY A 22 -12.63 -15.54 5.81
CA GLY A 22 -11.22 -15.55 5.47
C GLY A 22 -10.64 -14.16 5.30
N ILE A 23 -11.36 -13.30 4.58
CA ILE A 23 -10.89 -11.95 4.29
C ILE A 23 -10.82 -11.14 5.57
N LYS A 24 -11.81 -11.30 6.46
CA LYS A 24 -11.79 -10.60 7.75
C LYS A 24 -10.57 -11.02 8.56
N SER A 25 -10.34 -12.33 8.70
CA SER A 25 -9.17 -12.80 9.44
C SER A 25 -7.88 -12.25 8.85
N TYR A 26 -7.79 -12.22 7.52
CA TYR A 26 -6.60 -11.66 6.88
C TYR A 26 -6.43 -10.19 7.22
N LEU A 27 -7.48 -9.38 7.03
CA LEU A 27 -7.33 -7.94 7.29
C LEU A 27 -7.02 -7.67 8.76
N GLN A 28 -7.59 -8.46 9.68
CA GLN A 28 -7.27 -8.31 11.10
C GLN A 28 -5.78 -8.55 11.34
N SER A 29 -5.21 -9.55 10.68
CA SER A 29 -3.79 -9.84 10.81
C SER A 29 -2.91 -8.75 10.21
N GLN A 30 -3.47 -7.90 9.34
CA GLN A 30 -2.72 -6.83 8.69
C GLN A 30 -3.00 -5.46 9.31
N GLY A 31 -3.65 -5.43 10.47
CA GLY A 31 -3.81 -4.20 11.20
C GLY A 31 -5.20 -3.58 11.20
N TRP A 32 -6.15 -4.14 10.45
CA TRP A 32 -7.52 -3.68 10.58
C TRP A 32 -8.10 -4.16 11.91
N THR A 33 -9.04 -3.38 12.44
CA THR A 33 -9.75 -3.68 13.68
C THR A 33 -10.95 -4.57 13.39
N SER A 34 -11.05 -5.72 14.08
CA SER A 34 -12.15 -6.64 13.83
C SER A 34 -13.51 -5.95 13.97
N SER A 35 -13.64 -5.08 14.97
CA SER A 35 -14.96 -4.46 15.17
C SER A 35 -15.28 -3.39 14.13
N GLU A 36 -14.34 -3.05 13.24
CA GLU A 36 -14.65 -2.14 12.14
C GLU A 36 -14.66 -2.86 10.79
N LEU A 37 -14.85 -4.17 10.81
CA LEU A 37 -15.02 -4.99 9.61
C LEU A 37 -16.45 -5.51 9.63
N TYR A 38 -17.24 -5.08 8.67
CA TYR A 38 -18.68 -5.32 8.65
C TYR A 38 -18.97 -6.18 7.43
N ALA A 39 -19.78 -7.20 7.60
CA ALA A 39 -20.25 -7.96 6.44
C ALA A 39 -21.78 -7.98 6.48
N ILE A 40 -22.40 -7.41 5.45
CA ILE A 40 -23.86 -7.38 5.39
C ILE A 40 -24.37 -8.79 5.08
N ASN A 41 -25.57 -9.11 5.58
CA ASN A 41 -26.21 -10.36 5.22
C ASN A 41 -27.52 -10.01 4.55
N PHE A 42 -27.56 -10.11 3.23
CA PHE A 42 -28.80 -9.85 2.53
C PHE A 42 -29.80 -10.97 2.79
N ILE A 43 -31.02 -10.57 3.15
CA ILE A 43 -32.05 -11.59 3.28
C ILE A 43 -32.46 -12.07 1.89
N ASP A 44 -32.37 -11.20 0.89
CA ASP A 44 -32.68 -11.55 -0.49
C ASP A 44 -31.44 -12.17 -1.13
N LYS A 45 -31.47 -13.49 -1.34
CA LYS A 45 -30.29 -14.16 -1.85
C LYS A 45 -30.25 -14.24 -3.37
N THR A 46 -31.20 -13.61 -4.06
CA THR A 46 -31.25 -13.61 -5.52
C THR A 46 -30.35 -12.56 -6.15
N GLY A 47 -29.79 -11.65 -5.37
CA GLY A 47 -28.89 -10.65 -5.93
C GLY A 47 -29.56 -9.41 -6.49
N ASN A 48 -30.88 -9.29 -6.37
CA ASN A 48 -31.67 -8.24 -7.01
C ASN A 48 -31.23 -6.85 -6.55
N ASN A 49 -30.75 -6.01 -7.49
CA ASN A 49 -30.34 -4.66 -7.11
C ASN A 49 -31.46 -3.89 -6.44
N ILE A 50 -32.71 -4.15 -6.85
CA ILE A 50 -33.84 -3.35 -6.36
C ILE A 50 -33.96 -3.44 -4.84
N ASN A 51 -33.72 -4.63 -4.28
CA ASN A 51 -33.74 -4.75 -2.82
C ASN A 51 -32.37 -4.52 -2.22
N ASN A 52 -31.33 -5.11 -2.80
CA ASN A 52 -30.08 -5.15 -2.08
C ASN A 52 -29.33 -3.82 -2.10
N ALA A 53 -29.46 -3.04 -3.17
CA ALA A 53 -28.76 -1.74 -3.18
C ALA A 53 -29.33 -0.80 -2.13
N PRO A 54 -30.64 -0.62 -1.98
CA PRO A 54 -31.11 0.18 -0.84
C PRO A 54 -30.75 -0.41 0.51
N ARG A 55 -30.78 -1.75 0.66
CA ARG A 55 -30.35 -2.34 1.91
C ARG A 55 -28.90 -1.99 2.18
N LEU A 56 -28.06 -2.06 1.15
CA LEU A 56 -26.66 -1.71 1.35
C LEU A 56 -26.52 -0.25 1.78
N SER A 57 -27.26 0.66 1.09
CA SER A 57 -27.22 2.07 1.44
C SER A 57 -27.56 2.29 2.91
N GLU A 58 -28.62 1.64 3.39
CA GLU A 58 -29.07 1.81 4.77
C GLU A 58 -28.06 1.25 5.77
N TYR A 59 -27.48 0.08 5.42
CA TYR A 59 -26.44 -0.53 6.26
C TYR A 59 -25.26 0.39 6.43
N ILE A 60 -24.81 1.02 5.34
CA ILE A 60 -23.65 1.90 5.39
C ILE A 60 -23.97 3.16 6.19
N LYS A 61 -25.16 3.71 6.02
CA LYS A 61 -25.54 4.87 6.85
C LYS A 61 -25.53 4.51 8.33
N ARG A 62 -26.01 3.30 8.67
CA ARG A 62 -25.93 2.90 10.07
C ARG A 62 -24.48 2.78 10.51
N VAL A 63 -23.61 2.22 9.66
CA VAL A 63 -22.19 2.13 9.99
C VAL A 63 -21.58 3.53 10.19
N LEU A 64 -21.86 4.45 9.26
CA LEU A 64 -21.32 5.80 9.40
C LEU A 64 -21.89 6.48 10.65
N ASN A 65 -23.18 6.34 10.89
CA ASN A 65 -23.77 6.99 12.08
C ASN A 65 -23.18 6.44 13.37
N GLN A 66 -23.02 5.12 13.46
CA GLN A 66 -22.54 4.48 14.68
C GLN A 66 -21.07 4.81 14.95
N THR A 67 -20.24 4.78 13.91
CA THR A 67 -18.81 5.00 14.06
C THR A 67 -18.40 6.46 14.00
N GLY A 68 -19.18 7.31 13.35
CA GLY A 68 -18.73 8.66 13.12
C GLY A 68 -17.71 8.82 12.01
N ALA A 69 -17.37 7.74 11.29
CA ALA A 69 -16.51 7.86 10.12
C ALA A 69 -17.19 8.67 9.03
N SER A 70 -16.39 9.22 8.11
CA SER A 70 -16.99 9.98 7.02
C SER A 70 -17.21 9.13 5.80
N LYS A 71 -16.43 8.05 5.65
CA LYS A 71 -16.57 7.14 4.50
C LYS A 71 -16.31 5.71 4.93
N VAL A 72 -16.88 4.78 4.17
CA VAL A 72 -16.56 3.36 4.31
C VAL A 72 -15.77 2.95 3.10
N ASP A 73 -15.06 1.83 3.23
CA ASP A 73 -14.54 1.09 2.09
C ASP A 73 -15.42 -0.14 1.88
N ILE A 74 -15.46 -0.64 0.64
CA ILE A 74 -16.29 -1.80 0.31
C ILE A 74 -15.42 -2.87 -0.34
N VAL A 75 -15.58 -4.12 0.12
CA VAL A 75 -15.10 -5.30 -0.61
C VAL A 75 -16.33 -6.09 -1.02
N ALA A 76 -16.46 -6.37 -2.31
CA ALA A 76 -17.67 -7.01 -2.83
C ALA A 76 -17.31 -8.20 -3.70
N HIS A 77 -18.13 -9.25 -3.60
CA HIS A 77 -17.92 -10.49 -4.33
C HIS A 77 -19.09 -10.71 -5.29
N SER A 78 -18.79 -11.05 -6.54
CA SER A 78 -19.80 -11.60 -7.48
C SER A 78 -20.91 -10.57 -7.72
N MSE A 79 -22.18 -10.96 -7.63
CA MSE A 79 -23.27 -10.00 -7.79
C MSE A 79 -23.21 -8.85 -6.76
O MSE A 79 -23.80 -7.79 -6.99
CB MSE A 79 -24.62 -10.73 -7.68
CG MSE A 79 -25.79 -9.89 -8.10
SE MSE A 79 -25.75 -9.49 -10.00
CE MSE A 79 -27.09 -8.03 -9.84
N GLY A 80 -22.50 -9.07 -5.64
CA GLY A 80 -22.25 -7.99 -4.70
C GLY A 80 -21.57 -6.80 -5.35
N GLY A 81 -20.73 -7.05 -6.37
CA GLY A 81 -20.13 -5.94 -7.10
C GLY A 81 -21.16 -5.12 -7.86
N ALA A 82 -22.12 -5.80 -8.51
CA ALA A 82 -23.22 -5.09 -9.15
C ALA A 82 -24.07 -4.32 -8.14
N ASN A 83 -24.42 -4.95 -7.01
CA ASN A 83 -25.18 -4.24 -6.00
C ASN A 83 -24.45 -2.96 -5.56
N THR A 84 -23.13 -3.06 -5.37
CA THR A 84 -22.31 -1.94 -4.94
C THR A 84 -22.27 -0.83 -5.99
N LEU A 85 -22.09 -1.21 -7.27
CA LEU A 85 -22.02 -0.19 -8.31
C LEU A 85 -23.37 0.45 -8.56
N TYR A 86 -24.46 -0.31 -8.43
CA TYR A 86 -25.80 0.27 -8.50
C TYR A 86 -26.01 1.32 -7.40
N TYR A 87 -25.59 0.98 -6.19
CA TYR A 87 -25.69 1.89 -5.06
C TYR A 87 -24.93 3.18 -5.32
N ILE A 88 -23.71 3.06 -5.85
CA ILE A 88 -22.88 4.24 -6.07
C ILE A 88 -23.40 5.05 -7.24
N LYS A 89 -23.82 4.39 -8.32
CA LYS A 89 -24.20 5.09 -9.54
C LYS A 89 -25.60 5.68 -9.46
N ASN A 90 -26.56 4.90 -8.96
CA ASN A 90 -27.97 5.25 -8.99
C ASN A 90 -28.53 5.69 -7.66
N LEU A 91 -27.92 5.30 -6.54
CA LEU A 91 -28.39 5.80 -5.26
C LEU A 91 -27.39 6.82 -4.69
N ASP A 92 -27.17 6.78 -3.39
CA ASP A 92 -26.46 7.85 -2.70
C ASP A 92 -25.00 7.53 -2.40
N GLY A 93 -24.47 6.42 -2.91
CA GLY A 93 -23.17 5.99 -2.41
C GLY A 93 -21.97 6.82 -2.85
N ALA A 94 -22.10 7.68 -3.86
CA ALA A 94 -20.89 8.32 -4.38
C ALA A 94 -20.19 9.22 -3.37
N ASP A 95 -20.87 9.75 -2.33
CA ASP A 95 -20.14 10.54 -1.35
C ASP A 95 -19.88 9.80 -0.05
N LYS A 96 -20.04 8.47 -0.05
CA LYS A 96 -19.95 7.70 1.17
C LYS A 96 -18.81 6.69 1.17
N VAL A 97 -18.10 6.54 0.04
CA VAL A 97 -17.17 5.44 -0.16
C VAL A 97 -15.77 5.95 -0.49
N GLY A 98 -14.75 5.36 0.14
CA GLY A 98 -13.36 5.71 -0.16
C GLY A 98 -12.73 4.79 -1.19
N HIS A 99 -12.70 3.51 -0.89
CA HIS A 99 -12.12 2.49 -1.76
C HIS A 99 -13.16 1.41 -2.05
N VAL A 100 -13.19 0.91 -3.29
CA VAL A 100 -14.09 -0.18 -3.66
C VAL A 100 -13.21 -1.26 -4.28
N VAL A 101 -13.28 -2.48 -3.74
CA VAL A 101 -12.54 -3.62 -4.29
C VAL A 101 -13.57 -4.68 -4.65
N THR A 102 -13.63 -5.09 -5.93
CA THR A 102 -14.54 -6.15 -6.31
C THR A 102 -13.75 -7.43 -6.63
N LEU A 103 -14.36 -8.56 -6.30
CA LEU A 103 -13.75 -9.87 -6.52
C LEU A 103 -14.67 -10.65 -7.44
N GLY A 104 -14.24 -10.90 -8.68
CA GLY A 104 -15.15 -11.56 -9.62
C GLY A 104 -16.47 -10.83 -9.75
N GLY A 105 -16.44 -9.49 -9.69
CA GLY A 105 -17.68 -8.75 -9.62
C GLY A 105 -18.44 -8.80 -10.93
N ALA A 106 -19.77 -8.85 -10.85
CA ALA A 106 -20.57 -8.83 -12.09
C ALA A 106 -20.85 -7.38 -12.46
N ASN A 107 -19.76 -6.65 -12.68
CA ASN A 107 -19.79 -5.19 -12.60
C ASN A 107 -20.50 -4.56 -13.81
N ARG A 108 -20.23 -5.04 -15.02
CA ARG A 108 -20.83 -4.46 -16.21
C ARG A 108 -22.31 -4.78 -16.34
N LEU A 109 -22.90 -5.54 -15.42
CA LEU A 109 -24.36 -5.57 -15.40
C LEU A 109 -24.94 -4.21 -15.06
N VAL A 110 -24.13 -3.32 -14.48
CA VAL A 110 -24.57 -1.99 -14.06
C VAL A 110 -23.94 -0.88 -14.90
N THR A 111 -22.63 -0.93 -15.09
CA THR A 111 -21.93 0.12 -15.82
C THR A 111 -20.60 -0.41 -16.35
N ASN A 112 -20.12 0.19 -17.46
CA ASN A 112 -18.79 -0.09 -17.97
C ASN A 112 -17.72 0.76 -17.29
N THR A 113 -18.10 1.81 -16.58
CA THR A 113 -17.16 2.80 -16.07
C THR A 113 -17.33 2.91 -14.56
N ALA A 114 -16.23 2.84 -13.81
CA ALA A 114 -16.33 3.00 -12.36
C ALA A 114 -16.76 4.43 -12.05
N PRO A 115 -17.88 4.63 -11.33
CA PRO A 115 -18.39 6.01 -11.14
C PRO A 115 -17.48 6.87 -10.27
N GLN A 116 -17.23 8.11 -10.70
CA GLN A 116 -16.46 9.07 -9.89
C GLN A 116 -15.09 8.51 -9.52
N ASN A 117 -14.42 7.87 -10.48
CA ASN A 117 -13.23 7.09 -10.16
C ASN A 117 -12.00 7.95 -9.92
N ASP A 118 -12.13 9.27 -10.07
CA ASP A 118 -11.12 10.23 -9.67
C ASP A 118 -11.26 10.64 -8.20
N LYS A 119 -12.42 10.39 -7.59
CA LYS A 119 -12.68 10.63 -6.18
C LYS A 119 -12.76 9.35 -5.35
N ILE A 120 -13.18 8.25 -5.97
CA ILE A 120 -13.26 6.96 -5.32
C ILE A 120 -12.22 6.08 -5.98
N SER A 121 -11.51 5.29 -5.18
CA SER A 121 -10.47 4.40 -5.72
C SER A 121 -11.05 3.01 -5.96
N TYR A 122 -11.01 2.54 -7.21
CA TYR A 122 -11.58 1.24 -7.54
C TYR A 122 -10.50 0.24 -7.92
N THR A 123 -10.67 -0.99 -7.42
CA THR A 123 -9.87 -2.14 -7.80
C THR A 123 -10.79 -3.31 -8.14
N SER A 124 -10.57 -3.93 -9.31
CA SER A 124 -11.37 -5.06 -9.76
C SER A 124 -10.42 -6.24 -9.98
N ILE A 125 -10.58 -7.28 -9.17
CA ILE A 125 -9.70 -8.46 -9.20
C ILE A 125 -10.52 -9.60 -9.81
N TYR A 126 -9.94 -10.34 -10.75
CA TYR A 126 -10.70 -11.42 -11.37
C TYR A 126 -9.74 -12.48 -11.88
N SER A 127 -10.24 -13.71 -12.03
CA SER A 127 -9.42 -14.86 -12.36
C SER A 127 -9.81 -15.48 -13.70
N THR A 128 -8.82 -15.87 -14.51
CA THR A 128 -9.17 -16.50 -15.79
C THR A 128 -9.81 -17.87 -15.60
N SER A 129 -9.70 -18.46 -14.43
CA SER A 129 -10.37 -19.72 -14.09
C SER A 129 -11.76 -19.52 -13.50
N ASP A 130 -12.26 -18.28 -13.44
CA ASP A 130 -13.61 -18.06 -12.92
C ASP A 130 -14.64 -18.57 -13.93
N TYR A 131 -15.43 -19.56 -13.54
CA TYR A 131 -16.45 -20.12 -14.42
C TYR A 131 -17.84 -19.60 -14.10
N ILE A 132 -17.96 -18.71 -13.12
CA ILE A 132 -19.28 -18.17 -12.72
C ILE A 132 -19.51 -16.78 -13.31
N VAL A 133 -18.52 -15.90 -13.21
CA VAL A 133 -18.58 -14.55 -13.77
C VAL A 133 -17.43 -14.38 -14.76
N LEU A 134 -17.77 -14.16 -16.04
CA LEU A 134 -16.74 -13.89 -17.04
C LEU A 134 -15.94 -12.62 -16.70
N ASN A 135 -14.63 -12.67 -16.99
CA ASN A 135 -13.77 -11.53 -16.65
C ASN A 135 -14.20 -10.27 -17.37
N SER A 136 -14.75 -10.40 -18.59
CA SER A 136 -15.21 -9.23 -19.33
C SER A 136 -16.32 -8.48 -18.59
N LEU A 137 -17.08 -9.18 -17.75
CA LEU A 137 -18.07 -8.52 -16.87
C LEU A 137 -17.40 -7.80 -15.72
N SER A 138 -16.26 -8.28 -15.26
CA SER A 138 -15.63 -7.71 -14.07
C SER A 138 -14.76 -6.51 -14.38
N LYS A 139 -14.16 -6.47 -15.58
CA LYS A 139 -13.26 -5.38 -15.94
C LYS A 139 -14.03 -4.04 -15.96
N LEU A 140 -13.48 -3.04 -15.29
CA LEU A 140 -14.18 -1.77 -15.09
C LEU A 140 -13.30 -0.61 -15.55
N ASP A 141 -13.81 0.21 -16.47
CA ASP A 141 -13.04 1.35 -16.94
C ASP A 141 -12.83 2.32 -15.78
N GLY A 142 -11.60 2.74 -15.57
CA GLY A 142 -11.26 3.64 -14.49
C GLY A 142 -10.89 2.94 -13.19
N ALA A 143 -10.95 1.61 -13.15
CA ALA A 143 -10.48 0.81 -12.04
C ALA A 143 -9.07 0.30 -12.31
N ASN A 144 -8.38 -0.08 -11.23
CA ASN A 144 -7.20 -0.93 -11.36
C ASN A 144 -7.72 -2.35 -11.58
N ASN A 145 -7.64 -2.82 -12.82
CA ASN A 145 -8.08 -4.15 -13.18
C ASN A 145 -6.92 -5.11 -13.04
N VAL A 146 -7.09 -6.12 -12.18
CA VAL A 146 -6.02 -7.07 -11.85
C VAL A 146 -6.52 -8.47 -12.22
N GLN A 147 -5.86 -9.07 -13.22
CA GLN A 147 -6.25 -10.40 -13.68
C GLN A 147 -5.28 -11.43 -13.15
N ILE A 148 -5.80 -12.48 -12.50
CA ILE A 148 -4.96 -13.56 -12.03
C ILE A 148 -5.39 -14.88 -12.69
N SER A 149 -4.69 -15.96 -12.39
CA SER A 149 -5.07 -17.25 -12.97
C SER A 149 -5.16 -18.29 -11.86
N GLY A 150 -5.86 -19.38 -12.17
CA GLY A 150 -5.88 -20.58 -11.34
C GLY A 150 -6.83 -20.59 -10.16
N VAL A 151 -7.53 -19.50 -9.88
CA VAL A 151 -8.41 -19.42 -8.71
C VAL A 151 -9.86 -19.48 -9.18
N SER A 152 -10.65 -20.27 -8.47
CA SER A 152 -12.06 -20.37 -8.79
C SER A 152 -12.84 -19.17 -8.23
N HIS A 153 -14.10 -19.07 -8.66
CA HIS A 153 -14.99 -17.96 -8.23
C HIS A 153 -15.11 -17.88 -6.71
N VAL A 154 -15.46 -18.99 -6.06
CA VAL A 154 -15.52 -18.98 -4.59
C VAL A 154 -14.12 -18.94 -3.99
N GLY A 155 -13.14 -19.53 -4.69
CA GLY A 155 -11.74 -19.47 -4.27
C GLY A 155 -11.22 -18.07 -4.07
N LEU A 156 -11.78 -17.09 -4.79
CA LEU A 156 -11.40 -15.69 -4.60
C LEU A 156 -11.56 -15.22 -3.15
N LEU A 157 -12.44 -15.87 -2.38
CA LEU A 157 -12.69 -15.51 -0.99
C LEU A 157 -11.66 -16.11 -0.02
N PHE A 158 -10.82 -17.04 -0.49
CA PHE A 158 -9.96 -17.84 0.39
C PHE A 158 -8.60 -18.03 -0.23
N SER A 159 -8.04 -16.95 -0.79
CA SER A 159 -6.81 -16.96 -1.56
C SER A 159 -5.81 -15.98 -0.98
N SER A 160 -4.59 -16.44 -0.68
CA SER A 160 -3.60 -15.51 -0.14
C SER A 160 -3.21 -14.46 -1.17
N LYS A 161 -3.15 -14.86 -2.44
CA LYS A 161 -2.84 -13.89 -3.49
C LYS A 161 -3.90 -12.81 -3.57
N VAL A 162 -5.18 -13.21 -3.58
CA VAL A 162 -6.26 -12.24 -3.59
C VAL A 162 -6.22 -11.36 -2.34
N ASN A 163 -5.94 -11.94 -1.17
CA ASN A 163 -5.88 -11.17 0.08
C ASN A 163 -4.92 -9.98 -0.06
N ALA A 164 -3.72 -10.25 -0.57
CA ALA A 164 -2.72 -9.20 -0.75
C ALA A 164 -3.24 -8.10 -1.69
N LEU A 165 -3.94 -8.51 -2.76
CA LEU A 165 -4.53 -7.56 -3.71
C LEU A 165 -5.62 -6.74 -3.08
N ILE A 166 -6.37 -7.32 -2.14
CA ILE A 166 -7.40 -6.58 -1.43
C ILE A 166 -6.76 -5.52 -0.55
N LYS A 167 -5.71 -5.90 0.19
CA LYS A 167 -5.00 -4.94 1.04
C LYS A 167 -4.47 -3.78 0.21
N ASP A 168 -3.90 -4.08 -0.96
CA ASP A 168 -3.45 -3.01 -1.85
C ASP A 168 -4.61 -2.14 -2.28
N GLY A 169 -5.74 -2.77 -2.61
CA GLY A 169 -6.89 -2.02 -3.08
C GLY A 169 -7.49 -1.12 -2.02
N LEU A 170 -7.44 -1.53 -0.76
CA LEU A 170 -7.98 -0.75 0.34
C LEU A 170 -7.05 0.37 0.79
N THR A 171 -5.82 0.41 0.29
CA THR A 171 -4.85 1.45 0.69
C THR A 171 -4.35 2.24 -0.51
N ALA A 172 -5.01 2.11 -1.66
CA ALA A 172 -4.61 2.80 -2.87
C ALA A 172 -4.75 4.31 -2.69
N SER A 173 -3.91 5.06 -3.40
CA SER A 173 -3.85 6.52 -3.25
C SER A 173 -4.61 7.21 -4.37
N ALA B 2 26.04 -10.93 8.19
CA ALA B 2 27.12 -11.56 7.43
C ALA B 2 26.74 -11.70 5.96
N SER B 3 25.45 -11.88 5.69
CA SER B 3 24.98 -12.03 4.32
C SER B 3 24.08 -10.86 3.94
N HIS B 4 24.52 -9.63 4.23
CA HIS B 4 23.70 -8.45 3.98
C HIS B 4 23.47 -8.20 2.49
N ASN B 5 22.25 -7.77 2.16
CA ASN B 5 22.00 -7.18 0.85
C ASN B 5 22.93 -5.99 0.64
N PRO B 6 23.30 -5.70 -0.61
CA PRO B 6 23.88 -4.39 -0.92
C PRO B 6 22.94 -3.30 -0.42
N VAL B 7 23.51 -2.21 0.11
CA VAL B 7 22.74 -1.06 0.62
C VAL B 7 22.90 0.08 -0.36
N VAL B 8 21.79 0.66 -0.79
CA VAL B 8 21.77 1.85 -1.63
C VAL B 8 21.26 3.01 -0.81
N MSE B 9 22.05 4.09 -0.74
CA MSE B 9 21.69 5.23 0.13
C MSE B 9 21.30 6.39 -0.73
O MSE B 9 22.00 6.68 -1.70
CB MSE B 9 22.86 5.57 1.03
CG MSE B 9 23.39 4.28 1.64
SE MSE B 9 24.72 4.62 2.99
CE MSE B 9 23.74 3.61 4.34
N VAL B 10 20.19 7.05 -0.40
CA VAL B 10 19.49 7.98 -1.30
C VAL B 10 19.36 9.35 -0.61
N HIS B 11 20.05 10.37 -1.13
CA HIS B 11 20.05 11.71 -0.52
C HIS B 11 18.82 12.55 -0.93
N GLY B 12 18.66 13.68 -0.23
CA GLY B 12 17.54 14.59 -0.40
C GLY B 12 17.88 15.84 -1.19
N ILE B 13 17.01 16.85 -1.08
CA ILE B 13 17.20 18.08 -1.85
C ILE B 13 18.48 18.79 -1.42
N GLY B 14 19.28 19.21 -2.40
CA GLY B 14 20.55 19.86 -2.11
C GLY B 14 21.54 18.92 -1.42
N GLY B 15 21.29 17.61 -1.51
CA GLY B 15 22.15 16.62 -0.90
C GLY B 15 23.13 16.07 -1.90
N ALA B 16 23.84 15.02 -1.46
CA ALA B 16 24.87 14.37 -2.25
C ALA B 16 25.22 13.02 -1.64
N ASP B 17 25.88 12.19 -2.47
CA ASP B 17 26.31 10.88 -1.95
C ASP B 17 27.12 11.01 -0.66
N TYR B 18 27.94 12.06 -0.52
CA TYR B 18 28.80 12.17 0.64
C TYR B 18 28.04 12.48 1.92
N ASN B 19 26.74 12.81 1.82
CA ASN B 19 25.92 12.96 3.02
C ASN B 19 25.97 11.71 3.90
N PHE B 20 26.26 10.54 3.30
CA PHE B 20 26.14 9.26 3.98
C PHE B 20 27.47 8.77 4.53
N ILE B 21 28.49 9.61 4.58
CA ILE B 21 29.83 9.16 5.00
C ILE B 21 29.79 8.62 6.43
N GLY B 22 29.02 9.27 7.31
CA GLY B 22 28.94 8.78 8.68
C GLY B 22 28.20 7.46 8.78
N ILE B 23 27.10 7.32 8.04
CA ILE B 23 26.33 6.07 8.09
C ILE B 23 27.14 4.93 7.50
N LYS B 24 27.89 5.18 6.42
CA LYS B 24 28.74 4.13 5.83
C LYS B 24 29.80 3.66 6.82
N SER B 25 30.52 4.61 7.43
CA SER B 25 31.51 4.28 8.44
C SER B 25 30.89 3.43 9.56
N TYR B 26 29.72 3.83 10.04
CA TYR B 26 29.05 3.07 11.09
C TYR B 26 28.75 1.65 10.64
N LEU B 27 28.10 1.51 9.47
CA LEU B 27 27.71 0.15 9.07
C LEU B 27 28.93 -0.74 8.82
N GLN B 28 30.03 -0.16 8.33
CA GLN B 28 31.26 -0.93 8.18
C GLN B 28 31.78 -1.42 9.53
N SER B 29 31.69 -0.57 10.55
CA SER B 29 32.06 -0.98 11.90
C SER B 29 31.16 -2.08 12.44
N GLN B 30 29.96 -2.26 11.89
CA GLN B 30 29.00 -3.24 12.37
C GLN B 30 28.95 -4.47 11.47
N GLY B 31 29.89 -4.60 10.54
CA GLY B 31 30.04 -5.83 9.76
C GLY B 31 29.58 -5.77 8.32
N TRP B 32 29.03 -4.66 7.84
CA TRP B 32 28.77 -4.51 6.42
C TRP B 32 30.08 -4.31 5.67
N THR B 33 30.10 -4.72 4.41
CA THR B 33 31.27 -4.59 3.54
C THR B 33 31.24 -3.23 2.85
N SER B 34 32.34 -2.46 2.97
CA SER B 34 32.37 -1.13 2.38
C SER B 34 32.07 -1.17 0.89
N SER B 35 32.58 -2.17 0.19
CA SER B 35 32.32 -2.19 -1.25
C SER B 35 30.87 -2.54 -1.60
N GLU B 36 30.05 -2.95 -0.63
CA GLU B 36 28.63 -3.19 -0.88
C GLU B 36 27.74 -2.14 -0.25
N LEU B 37 28.31 -0.96 0.02
CA LEU B 37 27.57 0.19 0.47
C LEU B 37 27.65 1.24 -0.62
N TYR B 38 26.49 1.58 -1.21
CA TYR B 38 26.41 2.40 -2.40
C TYR B 38 25.63 3.66 -2.05
N ALA B 39 26.14 4.82 -2.43
CA ALA B 39 25.38 6.05 -2.24
C ALA B 39 25.22 6.70 -3.59
N ILE B 40 23.98 6.85 -4.06
CA ILE B 40 23.74 7.47 -5.35
C ILE B 40 24.02 8.97 -5.26
N ASN B 41 24.44 9.57 -6.38
CA ASN B 41 24.61 11.02 -6.39
C ASN B 41 23.70 11.55 -7.50
N PHE B 42 22.57 12.11 -7.12
CA PHE B 42 21.67 12.66 -8.12
C PHE B 42 22.28 13.92 -8.71
N ILE B 43 22.28 13.99 -10.03
CA ILE B 43 22.73 15.23 -10.63
C ILE B 43 21.64 16.28 -10.47
N ASP B 44 20.39 15.85 -10.42
CA ASP B 44 19.27 16.76 -10.19
C ASP B 44 19.14 16.98 -8.69
N LYS B 45 19.49 18.16 -8.20
CA LYS B 45 19.47 18.39 -6.76
C LYS B 45 18.11 18.90 -6.28
N THR B 46 17.11 19.04 -7.15
CA THR B 46 15.83 19.58 -6.75
C THR B 46 14.91 18.54 -6.10
N GLY B 47 15.28 17.27 -6.09
CA GLY B 47 14.42 16.26 -5.49
C GLY B 47 13.31 15.73 -6.37
N ASN B 48 13.24 16.15 -7.63
CA ASN B 48 12.10 15.83 -8.50
C ASN B 48 11.99 14.32 -8.75
N ASN B 49 10.86 13.72 -8.34
CA ASN B 49 10.66 12.28 -8.54
C ASN B 49 10.81 11.88 -9.99
N ILE B 50 10.44 12.77 -10.92
CA ILE B 50 10.36 12.42 -12.33
C ILE B 50 11.72 12.01 -12.88
N ASN B 51 12.78 12.65 -12.40
CA ASN B 51 14.13 12.26 -12.78
C ASN B 51 14.73 11.27 -11.81
N ASN B 52 14.60 11.56 -10.51
CA ASN B 52 15.39 10.82 -9.54
C ASN B 52 14.87 9.39 -9.37
N ALA B 53 13.55 9.20 -9.43
CA ALA B 53 13.07 7.82 -9.26
C ALA B 53 13.54 6.91 -10.39
N PRO B 54 13.46 7.29 -11.67
CA PRO B 54 14.09 6.43 -12.70
C PRO B 54 15.60 6.30 -12.54
N ARG B 55 16.31 7.38 -12.16
CA ARG B 55 17.74 7.24 -11.92
C ARG B 55 18.00 6.22 -10.82
N LEU B 56 17.20 6.27 -9.76
CA LEU B 56 17.37 5.31 -8.68
C LEU B 56 17.12 3.88 -9.17
N SER B 57 16.07 3.69 -9.98
CA SER B 57 15.76 2.38 -10.53
C SER B 57 16.95 1.84 -11.31
N GLU B 58 17.53 2.69 -12.19
CA GLU B 58 18.63 2.24 -13.05
C GLU B 58 19.86 1.93 -12.23
N TYR B 59 20.13 2.77 -11.20
CA TYR B 59 21.26 2.56 -10.33
C TYR B 59 21.15 1.22 -9.62
N ILE B 60 19.97 0.90 -9.12
CA ILE B 60 19.77 -0.36 -8.40
C ILE B 60 19.91 -1.55 -9.33
N LYS B 61 19.39 -1.44 -10.57
CA LYS B 61 19.59 -2.52 -11.53
C LYS B 61 21.07 -2.74 -11.80
N ARG B 62 21.86 -1.65 -11.92
CA ARG B 62 23.29 -1.85 -12.12
C ARG B 62 23.91 -2.54 -10.90
N VAL B 63 23.50 -2.14 -9.68
CA VAL B 63 24.02 -2.81 -8.47
C VAL B 63 23.65 -4.29 -8.46
N LEU B 64 22.39 -4.61 -8.74
CA LEU B 64 21.97 -6.01 -8.81
C LEU B 64 22.75 -6.76 -9.90
N ASN B 65 22.87 -6.16 -11.08
CA ASN B 65 23.57 -6.84 -12.17
C ASN B 65 25.03 -7.08 -11.82
N GLN B 66 25.67 -6.09 -11.21
CA GLN B 66 27.10 -6.19 -10.90
C GLN B 66 27.36 -7.20 -9.79
N THR B 67 26.54 -7.19 -8.74
CA THR B 67 26.78 -8.02 -7.57
C THR B 67 26.19 -9.41 -7.69
N GLY B 68 25.17 -9.58 -8.51
CA GLY B 68 24.41 -10.81 -8.52
C GLY B 68 23.43 -10.98 -7.37
N ALA B 69 23.31 -9.99 -6.49
CA ALA B 69 22.31 -10.03 -5.42
C ALA B 69 20.89 -10.04 -5.97
N SER B 70 19.97 -10.58 -5.19
CA SER B 70 18.58 -10.60 -5.65
C SER B 70 17.83 -9.33 -5.26
N LYS B 71 18.26 -8.69 -4.17
CA LYS B 71 17.60 -7.50 -3.65
C LYS B 71 18.62 -6.55 -3.03
N VAL B 72 18.27 -5.26 -3.03
CA VAL B 72 19.03 -4.26 -2.27
C VAL B 72 18.22 -3.86 -1.04
N ASP B 73 18.91 -3.30 -0.06
CA ASP B 73 18.26 -2.50 0.97
C ASP B 73 18.51 -1.04 0.67
N ILE B 74 17.61 -0.17 1.18
CA ILE B 74 17.71 1.28 0.93
C ILE B 74 17.72 2.02 2.26
N VAL B 75 18.63 2.99 2.38
CA VAL B 75 18.57 4.00 3.44
C VAL B 75 18.39 5.33 2.75
N ALA B 76 17.32 6.07 3.09
CA ALA B 76 16.98 7.30 2.37
C ALA B 76 16.78 8.45 3.34
N HIS B 77 17.22 9.65 2.94
CA HIS B 77 17.11 10.84 3.78
C HIS B 77 16.20 11.85 3.10
N SER B 78 15.29 12.46 3.86
CA SER B 78 14.59 13.69 3.41
C SER B 78 13.80 13.39 2.13
N MSE B 79 13.89 14.21 1.09
CA MSE B 79 13.20 13.92 -0.17
C MSE B 79 13.61 12.57 -0.81
O MSE B 79 12.84 12.00 -1.59
CB MSE B 79 13.45 15.05 -1.17
CG MSE B 79 12.56 14.97 -2.37
SE MSE B 79 10.69 15.36 -1.92
CE MSE B 79 9.92 14.85 -3.68
N GLY B 80 14.80 12.06 -0.46
CA GLY B 80 15.18 10.71 -0.87
C GLY B 80 14.17 9.66 -0.47
N GLY B 81 13.49 9.88 0.67
CA GLY B 81 12.39 9.01 1.06
C GLY B 81 11.25 9.00 0.05
N ALA B 82 10.86 10.20 -0.42
CA ALA B 82 9.84 10.28 -1.46
C ALA B 82 10.32 9.64 -2.76
N ASN B 83 11.56 9.93 -3.17
CA ASN B 83 12.07 9.31 -4.39
C ASN B 83 12.01 7.79 -4.29
N THR B 84 12.35 7.25 -3.12
CA THR B 84 12.36 5.81 -2.90
C THR B 84 10.95 5.23 -2.97
N LEU B 85 9.98 5.88 -2.30
CA LEU B 85 8.63 5.36 -2.29
C LEU B 85 7.98 5.49 -3.66
N TYR B 86 8.30 6.57 -4.39
CA TYR B 86 7.81 6.69 -5.77
C TYR B 86 8.31 5.52 -6.62
N TYR B 87 9.60 5.21 -6.49
CA TYR B 87 10.21 4.09 -7.20
C TYR B 87 9.52 2.77 -6.88
N ILE B 88 9.26 2.52 -5.61
CA ILE B 88 8.63 1.26 -5.22
C ILE B 88 7.17 1.23 -5.64
N LYS B 89 6.44 2.34 -5.48
CA LYS B 89 5.00 2.33 -5.71
C LYS B 89 4.65 2.44 -7.18
N ASN B 90 5.34 3.32 -7.90
CA ASN B 90 4.98 3.63 -9.28
C ASN B 90 5.93 3.07 -10.32
N LEU B 91 7.18 2.76 -9.95
CA LEU B 91 8.07 2.11 -10.91
C LEU B 91 8.23 0.64 -10.54
N ASP B 92 9.44 0.10 -10.67
CA ASP B 92 9.66 -1.34 -10.61
C ASP B 92 10.23 -1.82 -9.29
N GLY B 93 10.35 -0.95 -8.29
CA GLY B 93 11.15 -1.37 -7.15
C GLY B 93 10.52 -2.41 -6.22
N ALA B 94 9.22 -2.70 -6.36
CA ALA B 94 8.57 -3.59 -5.39
C ALA B 94 9.22 -4.96 -5.31
N ASP B 95 9.85 -5.45 -6.38
CA ASP B 95 10.47 -6.77 -6.30
C ASP B 95 11.99 -6.70 -6.20
N LYS B 96 12.53 -5.54 -5.87
CA LYS B 96 13.97 -5.38 -5.85
C LYS B 96 14.52 -4.98 -4.49
N VAL B 97 13.67 -4.77 -3.49
CA VAL B 97 14.12 -4.19 -2.22
C VAL B 97 13.73 -5.11 -1.06
N GLY B 98 14.64 -5.25 -0.10
CA GLY B 98 14.36 -6.06 1.08
C GLY B 98 13.93 -5.23 2.28
N HIS B 99 14.78 -4.27 2.65
CA HIS B 99 14.55 -3.38 3.79
C HIS B 99 14.62 -1.94 3.29
N VAL B 100 13.73 -1.08 3.80
CA VAL B 100 13.75 0.35 3.49
C VAL B 100 13.76 1.09 4.81
N VAL B 101 14.77 1.93 5.03
CA VAL B 101 14.87 2.78 6.23
C VAL B 101 14.88 4.23 5.75
N THR B 102 13.90 5.03 6.19
CA THR B 102 13.92 6.45 5.86
C THR B 102 14.29 7.27 7.10
N LEU B 103 14.98 8.37 6.85
CA LEU B 103 15.44 9.29 7.91
C LEU B 103 14.82 10.65 7.61
N GLY B 104 13.90 11.10 8.46
CA GLY B 104 13.18 12.34 8.16
C GLY B 104 12.59 12.34 6.76
N GLY B 105 12.08 11.19 6.31
CA GLY B 105 11.66 11.08 4.92
C GLY B 105 10.40 11.90 4.66
N ALA B 106 10.34 12.51 3.48
CA ALA B 106 9.14 13.27 3.09
C ALA B 106 8.14 12.32 2.43
N ASN B 107 7.77 11.29 3.21
CA ASN B 107 7.20 10.06 2.64
C ASN B 107 5.78 10.26 2.15
N ARG B 108 4.95 11.00 2.89
CA ARG B 108 3.55 11.17 2.49
C ARG B 108 3.37 12.13 1.33
N LEU B 109 4.44 12.70 0.79
CA LEU B 109 4.34 13.32 -0.52
C LEU B 109 3.96 12.31 -1.58
N VAL B 110 4.18 11.02 -1.32
CA VAL B 110 3.96 9.97 -2.31
C VAL B 110 2.83 9.04 -1.88
N THR B 111 2.83 8.60 -0.62
CA THR B 111 1.81 7.68 -0.15
C THR B 111 1.72 7.70 1.37
N ASN B 112 0.53 7.39 1.89
CA ASN B 112 0.35 7.21 3.33
C ASN B 112 0.72 5.82 3.80
N THR B 113 0.88 4.85 2.88
CA THR B 113 1.02 3.44 3.23
C THR B 113 2.31 2.92 2.59
N ALA B 114 3.13 2.23 3.38
CA ALA B 114 4.34 1.63 2.83
C ALA B 114 3.94 0.53 1.85
N PRO B 115 4.35 0.60 0.58
CA PRO B 115 3.88 -0.41 -0.40
C PRO B 115 4.41 -1.81 -0.11
N GLN B 116 3.50 -2.79 -0.18
CA GLN B 116 3.89 -4.20 -0.05
C GLN B 116 4.61 -4.45 1.27
N ASN B 117 4.11 -3.86 2.37
CA ASN B 117 4.87 -3.82 3.61
C ASN B 117 4.91 -5.14 4.36
N ASP B 118 4.25 -6.18 3.84
N ASP B 118 4.26 -6.20 3.85
CA ASP B 118 4.38 -7.53 4.36
CA ASP B 118 4.45 -7.53 4.39
C ASP B 118 5.38 -8.37 3.57
C ASP B 118 5.51 -8.31 3.65
N LYS B 119 5.93 -7.82 2.48
CA LYS B 119 7.03 -8.40 1.74
C LYS B 119 8.30 -7.57 1.82
N ILE B 120 8.16 -6.25 2.00
CA ILE B 120 9.28 -5.34 2.22
C ILE B 120 9.20 -4.84 3.64
N SER B 121 10.34 -4.78 4.33
CA SER B 121 10.38 -4.31 5.71
C SER B 121 10.69 -2.83 5.73
N TYR B 122 9.79 -2.00 6.30
CA TYR B 122 9.99 -0.56 6.32
C TYR B 122 10.20 -0.06 7.73
N THR B 123 11.17 0.85 7.88
CA THR B 123 11.38 1.60 9.12
C THR B 123 11.46 3.09 8.78
N SER B 124 10.71 3.90 9.50
CA SER B 124 10.72 5.36 9.31
C SER B 124 11.16 6.00 10.63
N ILE B 125 12.32 6.65 10.61
CA ILE B 125 12.90 7.29 11.80
C ILE B 125 12.75 8.79 11.64
N TYR B 126 12.28 9.47 12.68
CA TYR B 126 12.12 10.91 12.56
C TYR B 126 12.25 11.53 13.94
N SER B 127 12.54 12.84 13.96
CA SER B 127 12.84 13.57 15.19
C SER B 127 11.87 14.72 15.42
N THR B 128 11.45 14.92 16.68
CA THR B 128 10.53 16.04 16.95
C THR B 128 11.22 17.39 16.79
N SER B 129 12.55 17.42 16.74
CA SER B 129 13.31 18.64 16.48
C SER B 129 13.59 18.85 15.00
N ASP B 130 13.02 18.05 14.11
CA ASP B 130 13.21 18.24 12.68
C ASP B 130 12.42 19.46 12.22
N TYR B 131 13.11 20.49 11.76
CA TYR B 131 12.44 21.70 11.29
C TYR B 131 12.35 21.77 9.78
N ILE B 132 12.84 20.75 9.08
CA ILE B 132 12.78 20.71 7.62
C ILE B 132 11.63 19.84 7.12
N VAL B 133 11.46 18.65 7.68
CA VAL B 133 10.37 17.75 7.32
C VAL B 133 9.53 17.45 8.56
N LEU B 134 8.25 17.82 8.52
CA LEU B 134 7.37 17.53 9.66
C LEU B 134 7.23 16.02 9.84
N ASN B 135 7.14 15.59 11.11
CA ASN B 135 7.06 14.15 11.38
C ASN B 135 5.81 13.55 10.77
N SER B 136 4.72 14.32 10.67
CA SER B 136 3.49 13.81 10.05
C SER B 136 3.71 13.37 8.60
N LEU B 137 4.67 13.99 7.91
CA LEU B 137 5.02 13.56 6.56
C LEU B 137 5.84 12.28 6.56
N SER B 138 6.59 12.03 7.62
CA SER B 138 7.49 10.87 7.68
C SER B 138 6.79 9.61 8.13
N LYS B 139 5.75 9.73 8.96
CA LYS B 139 5.04 8.55 9.46
C LYS B 139 4.41 7.77 8.33
N LEU B 140 4.60 6.46 8.33
CA LEU B 140 4.18 5.61 7.22
C LEU B 140 3.38 4.44 7.76
N ASP B 141 2.12 4.31 7.32
CA ASP B 141 1.33 3.16 7.74
C ASP B 141 1.98 1.89 7.21
N GLY B 142 2.16 0.91 8.08
CA GLY B 142 2.81 -0.33 7.71
C GLY B 142 4.29 -0.34 7.97
N ALA B 143 4.88 0.79 8.37
CA ALA B 143 6.28 0.86 8.76
C ALA B 143 6.41 0.76 10.27
N ASN B 144 7.63 0.43 10.71
CA ASN B 144 8.01 0.65 12.10
C ASN B 144 8.36 2.12 12.20
N ASN B 145 7.44 2.91 12.76
CA ASN B 145 7.65 4.34 12.92
C ASN B 145 8.33 4.62 14.26
N VAL B 146 9.50 5.23 14.22
CA VAL B 146 10.34 5.45 15.41
C VAL B 146 10.55 6.95 15.53
N GLN B 147 9.99 7.53 16.59
CA GLN B 147 10.10 8.97 16.85
C GLN B 147 11.15 9.22 17.94
N ILE B 148 12.11 10.09 17.65
CA ILE B 148 13.14 10.46 18.62
C ILE B 148 13.05 11.97 18.86
N SER B 149 13.83 12.45 19.82
CA SER B 149 13.86 13.89 20.05
C SER B 149 15.31 14.41 20.00
N GLY B 150 15.42 15.73 19.82
CA GLY B 150 16.67 16.43 20.00
C GLY B 150 17.61 16.48 18.82
N VAL B 151 17.31 15.77 17.74
CA VAL B 151 18.21 15.67 16.59
C VAL B 151 17.66 16.51 15.46
N SER B 152 18.53 17.30 14.81
CA SER B 152 18.11 18.10 13.69
C SER B 152 17.99 17.24 12.44
N HIS B 153 17.40 17.82 11.39
CA HIS B 153 17.21 17.14 10.11
C HIS B 153 18.52 16.59 9.53
N VAL B 154 19.53 17.45 9.39
CA VAL B 154 20.85 16.97 8.93
C VAL B 154 21.53 16.12 10.00
N GLY B 155 21.28 16.43 11.28
CA GLY B 155 21.82 15.64 12.38
C GLY B 155 21.45 14.17 12.32
N LEU B 156 20.32 13.85 11.67
CA LEU B 156 19.92 12.44 11.49
C LEU B 156 21.00 11.63 10.79
N LEU B 157 21.86 12.26 9.99
CA LEU B 157 22.91 11.59 9.23
C LEU B 157 24.14 11.32 10.07
N PHE B 158 24.23 11.91 11.27
CA PHE B 158 25.46 11.93 12.06
C PHE B 158 25.16 11.66 13.53
N SER B 159 24.26 10.73 13.81
CA SER B 159 23.73 10.48 15.13
C SER B 159 23.95 9.02 15.53
N SER B 160 24.56 8.80 16.68
CA SER B 160 24.76 7.43 17.16
C SER B 160 23.42 6.73 17.41
N LYS B 161 22.47 7.45 17.97
CA LYS B 161 21.15 6.87 18.20
C LYS B 161 20.52 6.44 16.90
N VAL B 162 20.52 7.32 15.89
CA VAL B 162 19.94 6.97 14.59
C VAL B 162 20.70 5.80 13.96
N ASN B 163 22.04 5.80 14.08
CA ASN B 163 22.84 4.70 13.52
C ASN B 163 22.32 3.35 14.01
N ALA B 164 22.10 3.24 15.32
CA ALA B 164 21.61 1.97 15.91
C ALA B 164 20.24 1.62 15.34
N LEU B 165 19.38 2.62 15.14
CA LEU B 165 18.05 2.40 14.59
C LEU B 165 18.11 1.94 13.15
N ILE B 166 19.09 2.46 12.39
CA ILE B 166 19.28 2.04 11.01
C ILE B 166 19.72 0.57 10.97
N LYS B 167 20.66 0.20 11.85
CA LYS B 167 21.10 -1.19 11.91
C LYS B 167 19.93 -2.13 12.22
N ASP B 168 19.08 -1.74 13.18
CA ASP B 168 17.87 -2.51 13.44
C ASP B 168 16.99 -2.58 12.21
N GLY B 169 16.81 -1.46 11.50
CA GLY B 169 15.91 -1.45 10.37
C GLY B 169 16.40 -2.29 9.20
N LEU B 170 17.71 -2.38 9.02
CA LEU B 170 18.30 -3.18 7.95
C LEU B 170 18.33 -4.67 8.28
N THR B 171 18.03 -5.04 9.53
CA THR B 171 18.04 -6.45 9.91
C THR B 171 16.68 -6.91 10.42
N ALA B 172 15.64 -6.12 10.19
CA ALA B 172 14.28 -6.46 10.64
C ALA B 172 13.75 -7.67 9.89
N SER B 173 12.74 -8.31 10.47
CA SER B 173 12.10 -9.45 9.83
C SER B 173 10.70 -9.69 10.37
CL CL C . -15.46 -21.21 -10.70
C1 EDO D . -23.72 -2.57 11.24
O1 EDO D . -23.77 -2.34 12.67
C2 EDO D . -24.79 -1.71 10.55
O2 EDO D . -26.11 -2.04 11.01
N1 AZI E . -0.31 -19.50 0.87
N2 AZI E . -0.87 -19.87 -0.23
N3 AZI E . -1.42 -20.23 -1.34
CL CL F . 16.34 20.90 11.53
C1 EDO G . 26.95 1.49 -8.57
O1 EDO G . 28.03 0.66 -9.04
C2 EDO G . 25.80 1.38 -9.58
O2 EDO G . 26.19 1.98 -10.81
#